data_6WNS
#
_entry.id   6WNS
#
_cell.length_a   65.673
_cell.length_b   65.673
_cell.length_c   113.539
_cell.angle_alpha   90.000
_cell.angle_beta   90.000
_cell.angle_gamma   90.000
#
_symmetry.space_group_name_H-M   'P 43 21 2'
#
loop_
_entity.id
_entity.type
_entity.pdbx_description
1 polymer 'Acyl-homoserine-lactone synthase'
2 water water
#
_entity_poly.entity_id   1
_entity_poly.type   'polypeptide(L)'
_entity_poly.pdbx_seq_one_letter_code
;MVRIHLVTWENRKLYRKVLERYFRIRYDIYVKQRRWRAVARPINIEIDAFDNEHALYVLALDANGKIVGGSRLVPTLEPH
LMSEVFPILAGGTPPRAAEIFEWTRFFVMPSFRTKGASSPVAGFVLCGLLETAQSLGIRQISVVCETFWPKRLRALGWTL
FELGNALEHPDGDIIALLIDVTPEAIEQTRRAYGISGAILADGI
;
_entity_poly.pdbx_strand_id   A
#
# COMPACT_ATOMS: atom_id res chain seq x y z
N ARG A 3 -8.48 -2.94 -13.24
CA ARG A 3 -8.32 -1.47 -13.14
C ARG A 3 -8.16 -1.04 -11.68
N ILE A 4 -7.44 0.06 -11.45
CA ILE A 4 -7.12 0.56 -10.09
C ILE A 4 -8.16 1.62 -9.74
N HIS A 5 -8.89 1.40 -8.66
CA HIS A 5 -9.93 2.31 -8.14
C HIS A 5 -9.50 2.95 -6.81
N LEU A 6 -9.74 4.24 -6.72
CA LEU A 6 -9.34 5.06 -5.57
C LEU A 6 -10.58 5.25 -4.71
N VAL A 7 -10.59 4.61 -3.55
CA VAL A 7 -11.72 4.75 -2.58
C VAL A 7 -11.30 5.64 -1.43
N THR A 8 -12.11 6.67 -1.21
CA THR A 8 -11.84 7.70 -0.20
C THR A 8 -13.05 7.87 0.69
N TRP A 9 -12.92 8.72 1.70
CA TRP A 9 -14.11 9.11 2.46
C TRP A 9 -15.19 9.63 1.53
N GLU A 10 -14.84 10.41 0.50
CA GLU A 10 -15.85 11.11 -0.29
C GLU A 10 -16.71 10.11 -1.06
N ASN A 11 -16.13 9.03 -1.60
CA ASN A 11 -16.91 8.10 -2.48
C ASN A 11 -17.16 6.76 -1.75
N ARG A 12 -17.02 6.71 -0.44
CA ARG A 12 -17.14 5.44 0.33
C ARG A 12 -18.55 4.82 0.15
N LYS A 13 -19.59 5.62 -0.05
CA LYS A 13 -20.96 5.06 -0.16
C LYS A 13 -21.17 4.40 -1.53
N LEU A 14 -20.71 5.03 -2.59
CA LEU A 14 -20.65 4.38 -3.92
C LEU A 14 -19.88 3.07 -3.79
N TYR A 15 -18.82 3.03 -2.99
CA TYR A 15 -17.97 1.83 -2.90
C TYR A 15 -18.34 0.97 -1.70
N ARG A 16 -19.54 1.05 -1.17
CA ARG A 16 -19.84 0.40 0.14
C ARG A 16 -19.68 -1.12 0.02
N LYS A 17 -20.13 -1.74 -1.07
CA LYS A 17 -20.06 -3.22 -1.17
C LYS A 17 -18.60 -3.61 -1.37
N VAL A 18 -17.82 -2.84 -2.15
CA VAL A 18 -16.39 -3.15 -2.37
C VAL A 18 -15.73 -3.03 -0.98
N LEU A 19 -16.00 -1.98 -0.24
CA LEU A 19 -15.30 -1.83 1.06
C LEU A 19 -15.67 -2.97 2.05
N GLU A 20 -16.92 -3.37 2.10
CA GLU A 20 -17.39 -4.49 2.96
C GLU A 20 -16.62 -5.75 2.57
N ARG A 21 -16.46 -6.04 1.26
CA ARG A 21 -15.66 -7.20 0.81
C ARG A 21 -14.19 -6.98 1.19
N TYR A 22 -13.69 -5.75 1.04
CA TYR A 22 -12.29 -5.42 1.32
C TYR A 22 -11.98 -5.74 2.80
N PHE A 23 -12.84 -5.31 3.74
CA PHE A 23 -12.58 -5.56 5.19
C PHE A 23 -12.71 -7.06 5.54
N ARG A 24 -13.51 -7.79 4.79
CA ARG A 24 -13.64 -9.28 4.95
C ARG A 24 -12.37 -9.94 4.44
N ILE A 25 -11.88 -9.48 3.29
CA ILE A 25 -10.61 -9.96 2.70
C ILE A 25 -9.46 -9.75 3.68
N ARG A 26 -9.39 -8.61 4.33
CA ARG A 26 -8.35 -8.36 5.36
C ARG A 26 -8.42 -9.37 6.50
N TYR A 27 -9.62 -9.80 6.85
CA TYR A 27 -9.78 -10.90 7.82
C TYR A 27 -9.14 -12.17 7.25
N ASP A 28 -9.41 -12.50 6.00
CA ASP A 28 -8.86 -13.74 5.37
C ASP A 28 -7.33 -13.68 5.37
N ILE A 29 -6.76 -12.53 5.08
CA ILE A 29 -5.30 -12.36 4.85
C ILE A 29 -4.57 -12.21 6.16
N TYR A 30 -5.05 -11.30 7.01
CA TYR A 30 -4.24 -10.83 8.17
C TYR A 30 -4.61 -11.60 9.40
N VAL A 31 -5.91 -11.87 9.64
CA VAL A 31 -6.31 -12.54 10.92
C VAL A 31 -6.12 -14.04 10.74
N LYS A 32 -6.61 -14.61 9.60
CA LYS A 32 -6.76 -16.07 9.41
C LYS A 32 -5.35 -16.64 9.23
N GLN A 33 -4.38 -15.88 8.77
CA GLN A 33 -2.99 -16.44 8.75
C GLN A 33 -2.08 -15.81 9.82
N ARG A 34 -2.68 -15.15 10.82
CA ARG A 34 -2.09 -14.77 12.13
C ARG A 34 -0.80 -13.98 11.89
N ARG A 35 -0.91 -12.93 11.08
CA ARG A 35 0.19 -11.95 10.88
C ARG A 35 0.39 -11.13 12.16
N TRP A 36 1.64 -10.72 12.38
CA TRP A 36 2.12 -9.91 13.52
C TRP A 36 1.11 -8.77 13.77
N ARG A 37 0.62 -8.69 15.01
CA ARG A 37 -0.21 -7.61 15.60
C ARG A 37 -1.62 -7.54 14.94
N ALA A 38 -2.07 -8.51 14.12
CA ALA A 38 -3.45 -8.40 13.55
C ALA A 38 -4.44 -8.65 14.70
N VAL A 39 -5.48 -7.84 14.88
CA VAL A 39 -6.39 -8.02 16.04
C VAL A 39 -7.61 -8.84 15.56
N ALA A 40 -7.88 -9.91 16.22
CA ALA A 40 -9.05 -10.78 15.96
C ALA A 40 -10.30 -10.07 16.42
N ARG A 41 -11.24 -9.83 15.52
CA ARG A 41 -12.53 -9.19 15.87
C ARG A 41 -13.65 -10.22 16.00
N PRO A 42 -14.71 -9.90 16.77
CA PRO A 42 -15.86 -10.76 16.99
C PRO A 42 -16.65 -11.06 15.71
N ILE A 43 -16.46 -10.26 14.70
CA ILE A 43 -16.98 -10.51 13.33
C ILE A 43 -15.79 -10.59 12.40
N ASN A 44 -16.02 -11.16 11.21
CA ASN A 44 -14.93 -11.59 10.31
C ASN A 44 -14.50 -10.40 9.49
N ILE A 45 -13.92 -9.38 10.13
CA ILE A 45 -13.22 -8.28 9.44
C ILE A 45 -11.88 -8.03 10.16
N GLU A 46 -10.97 -7.41 9.45
CA GLU A 46 -9.73 -6.88 10.09
C GLU A 46 -9.70 -5.38 9.79
N ILE A 47 -9.42 -4.60 10.84
CA ILE A 47 -9.49 -3.14 10.80
C ILE A 47 -8.57 -2.61 11.90
N ASP A 48 -7.86 -1.54 11.61
CA ASP A 48 -6.89 -0.99 12.57
C ASP A 48 -7.15 0.50 12.80
N ALA A 49 -6.30 1.12 13.61
CA ALA A 49 -6.50 2.52 14.03
C ALA A 49 -6.43 3.45 12.82
N PHE A 50 -5.88 3.03 11.70
CA PHE A 50 -5.61 3.90 10.55
C PHE A 50 -6.71 3.82 9.52
N ASP A 51 -7.70 2.94 9.75
CA ASP A 51 -8.86 2.87 8.85
C ASP A 51 -9.87 3.91 9.36
N ASN A 52 -9.77 5.18 8.95
CA ASN A 52 -10.70 6.25 9.32
C ASN A 52 -10.90 7.11 8.08
N GLU A 53 -11.46 8.29 8.28
CA GLU A 53 -11.87 9.22 7.21
C GLU A 53 -10.64 9.73 6.45
N HIS A 54 -9.41 9.57 6.97
CA HIS A 54 -8.19 10.05 6.29
C HIS A 54 -7.55 8.98 5.42
N ALA A 55 -7.98 7.73 5.50
CA ALA A 55 -7.40 6.66 4.68
C ALA A 55 -7.84 6.78 3.23
N LEU A 56 -6.90 6.41 2.34
CA LEU A 56 -7.12 6.13 0.92
C LEU A 56 -6.92 4.65 0.63
N TYR A 57 -7.84 4.06 -0.10
CA TYR A 57 -7.79 2.63 -0.52
C TYR A 57 -7.59 2.61 -2.03
N VAL A 58 -6.48 2.02 -2.41
CA VAL A 58 -6.13 1.78 -3.83
C VAL A 58 -6.37 0.32 -4.17
N LEU A 59 -7.51 0.05 -4.78
CA LEU A 59 -8.00 -1.33 -4.96
C LEU A 59 -7.98 -1.72 -6.44
N ALA A 60 -7.41 -2.89 -6.68
CA ALA A 60 -7.43 -3.55 -8.01
C ALA A 60 -8.69 -4.44 -8.10
N LEU A 61 -9.60 -4.14 -9.06
CA LEU A 61 -10.92 -4.80 -9.25
C LEU A 61 -10.97 -5.46 -10.63
N ASP A 62 -12.16 -5.94 -11.06
CA ASP A 62 -12.48 -6.46 -12.43
C ASP A 62 -13.98 -6.75 -12.66
N GLY A 65 -16.31 -7.24 -10.57
CA GLY A 65 -16.15 -6.35 -9.41
C GLY A 65 -15.23 -6.91 -8.32
N LYS A 66 -14.57 -8.05 -8.55
CA LYS A 66 -13.86 -8.86 -7.52
C LYS A 66 -12.53 -8.17 -7.15
N ILE A 67 -12.20 -8.10 -5.86
CA ILE A 67 -10.91 -7.48 -5.43
C ILE A 67 -9.77 -8.48 -5.71
N VAL A 68 -8.74 -8.09 -6.46
CA VAL A 68 -7.61 -9.00 -6.79
C VAL A 68 -6.30 -8.50 -6.17
N GLY A 69 -6.29 -7.28 -5.65
CA GLY A 69 -5.14 -6.80 -4.87
C GLY A 69 -5.33 -5.38 -4.42
N GLY A 70 -4.38 -4.84 -3.66
CA GLY A 70 -4.56 -3.43 -3.28
C GLY A 70 -3.53 -2.90 -2.35
N SER A 71 -3.82 -1.71 -1.82
CA SER A 71 -2.93 -1.00 -0.87
C SER A 71 -3.70 0.12 -0.22
N ARG A 72 -3.10 0.70 0.79
CA ARG A 72 -3.68 1.78 1.61
C ARG A 72 -2.64 2.87 1.74
N LEU A 73 -3.11 4.09 1.61
CA LEU A 73 -2.29 5.29 1.85
C LEU A 73 -2.94 6.09 2.97
N VAL A 74 -2.09 6.59 3.85
CA VAL A 74 -2.46 7.50 4.95
C VAL A 74 -1.59 8.76 4.93
N PRO A 75 -2.17 9.96 5.11
CA PRO A 75 -1.35 11.19 5.13
C PRO A 75 -0.30 11.10 6.25
N THR A 76 0.95 11.36 5.96
CA THR A 76 2.00 11.29 7.03
C THR A 76 1.79 12.39 8.08
N LEU A 77 0.99 13.44 7.80
CA LEU A 77 0.69 14.47 8.82
C LEU A 77 -0.30 13.88 9.84
N GLU A 78 -0.97 12.78 9.55
CA GLU A 78 -1.84 12.08 10.50
C GLU A 78 -1.00 10.99 11.15
N PRO A 79 -1.42 10.47 12.32
CA PRO A 79 -0.82 9.27 12.89
C PRO A 79 -0.86 8.13 11.87
N HIS A 80 0.26 7.43 11.76
CA HIS A 80 0.42 6.34 10.78
C HIS A 80 1.34 5.26 11.39
N LEU A 81 1.47 4.12 10.72
CA LEU A 81 2.14 2.95 11.32
C LEU A 81 3.58 3.34 11.75
N MET A 82 4.26 4.03 10.87
CA MET A 82 5.69 4.38 11.12
C MET A 82 5.75 5.38 12.24
N SER A 83 4.76 6.25 12.37
CA SER A 83 4.79 7.28 13.42
C SER A 83 4.38 6.66 14.75
N GLU A 84 3.39 5.79 14.79
CA GLU A 84 2.82 5.32 16.09
C GLU A 84 3.48 4.03 16.57
N VAL A 85 3.98 3.18 15.66
CA VAL A 85 4.48 1.83 16.00
C VAL A 85 5.96 1.70 15.72
N PHE A 86 6.43 2.16 14.57
CA PHE A 86 7.84 1.94 14.22
C PHE A 86 8.63 3.24 14.06
N PRO A 87 8.49 4.26 14.90
CA PRO A 87 9.30 5.49 14.71
C PRO A 87 10.79 5.24 14.85
N ILE A 88 11.15 4.17 15.57
CA ILE A 88 12.58 3.79 15.73
C ILE A 88 13.22 3.47 14.37
N LEU A 89 12.46 3.04 13.36
CA LEU A 89 13.01 2.68 12.02
C LEU A 89 13.44 3.93 11.26
N ALA A 90 12.91 5.09 11.61
CA ALA A 90 13.29 6.32 10.89
C ALA A 90 14.14 7.20 11.81
N GLY A 91 14.76 6.61 12.83
CA GLY A 91 15.65 7.34 13.77
C GLY A 91 14.84 8.12 14.80
N GLY A 92 13.55 7.82 14.91
CA GLY A 92 12.61 8.40 15.90
C GLY A 92 11.83 9.53 15.26
N THR A 93 12.19 9.91 14.01
CA THR A 93 11.50 11.00 13.28
C THR A 93 11.17 10.58 11.84
N PRO A 94 10.03 9.90 11.65
CA PRO A 94 9.53 9.55 10.33
C PRO A 94 9.23 10.81 9.53
N PRO A 95 9.36 10.73 8.19
CA PRO A 95 9.05 11.85 7.32
C PRO A 95 7.54 12.15 7.32
N ARG A 96 7.21 13.43 7.56
CA ARG A 96 5.84 13.96 7.75
C ARG A 96 5.68 15.26 6.95
N ALA A 97 4.85 15.27 5.92
CA ALA A 97 4.69 16.45 5.03
C ALA A 97 3.33 16.28 4.41
N ALA A 98 2.71 17.34 3.93
CA ALA A 98 1.44 17.26 3.18
C ALA A 98 1.64 16.37 1.92
N GLU A 99 2.91 16.38 1.40
CA GLU A 99 3.30 15.89 0.04
C GLU A 99 3.56 14.37 0.11
N ILE A 100 3.51 13.83 1.34
CA ILE A 100 4.07 12.50 1.69
C ILE A 100 2.96 11.66 2.34
N PHE A 101 2.72 10.42 1.81
CA PHE A 101 1.68 9.51 2.38
C PHE A 101 2.37 8.21 2.73
N GLU A 102 1.85 7.52 3.73
CA GLU A 102 2.44 6.23 4.13
C GLU A 102 1.65 5.14 3.43
N TRP A 103 2.37 4.20 2.82
CA TRP A 103 1.91 2.92 2.22
C TRP A 103 1.84 1.85 3.30
N THR A 104 0.65 1.24 3.45
CA THR A 104 0.48 0.01 4.27
C THR A 104 -0.37 -0.97 3.47
N ARG A 105 -0.44 -2.20 3.95
CA ARG A 105 -1.47 -3.18 3.50
C ARG A 105 -1.37 -3.42 2.00
N PHE A 106 -0.17 -3.67 1.48
CA PHE A 106 -0.01 -4.15 0.10
C PHE A 106 -0.39 -5.62 0.07
N PHE A 107 -1.33 -5.99 -0.76
CA PHE A 107 -1.61 -7.44 -0.96
C PHE A 107 -2.00 -7.70 -2.41
N VAL A 108 -1.75 -8.93 -2.78
CA VAL A 108 -2.21 -9.56 -4.02
C VAL A 108 -2.89 -10.87 -3.64
N MET A 109 -4.08 -11.05 -4.18
CA MET A 109 -4.85 -12.27 -3.89
C MET A 109 -4.14 -13.40 -4.62
N PRO A 110 -4.19 -14.63 -4.06
CA PRO A 110 -3.73 -15.81 -4.78
C PRO A 110 -4.35 -15.91 -6.20
N SER A 111 -5.69 -15.76 -6.33
CA SER A 111 -6.47 -15.82 -7.62
C SER A 111 -7.56 -14.73 -7.67
N GLY A 116 -4.98 -14.59 -10.50
CA GLY A 116 -3.79 -13.98 -9.85
C GLY A 116 -2.54 -14.87 -9.89
N ALA A 117 -2.48 -15.88 -10.77
CA ALA A 117 -1.42 -16.94 -10.86
C ALA A 117 -0.11 -16.40 -11.47
N SER A 118 0.10 -16.55 -12.79
CA SER A 118 1.19 -15.89 -13.58
C SER A 118 0.73 -14.49 -14.04
N SER A 119 -0.06 -13.80 -13.18
CA SER A 119 -0.79 -12.53 -13.46
C SER A 119 0.05 -11.31 -13.10
N PRO A 120 0.01 -10.23 -13.91
CA PRO A 120 0.68 -9.03 -13.48
C PRO A 120 -0.12 -8.29 -12.41
N VAL A 121 -1.10 -8.90 -11.71
CA VAL A 121 -1.95 -8.17 -10.73
C VAL A 121 -1.03 -7.32 -9.86
N ALA A 122 0.08 -7.90 -9.43
CA ALA A 122 1.04 -7.18 -8.57
C ALA A 122 1.43 -5.91 -9.33
N GLY A 123 1.89 -6.08 -10.57
CA GLY A 123 2.23 -4.94 -11.47
C GLY A 123 1.17 -3.81 -11.42
N PHE A 124 -0.10 -4.27 -11.71
CA PHE A 124 -1.32 -3.41 -11.79
C PHE A 124 -1.45 -2.62 -10.49
N VAL A 125 -1.24 -3.29 -9.35
CA VAL A 125 -1.31 -2.66 -7.99
C VAL A 125 -0.14 -1.70 -7.78
N LEU A 126 1.10 -2.14 -8.04
CA LEU A 126 2.29 -1.29 -7.79
C LEU A 126 2.22 -0.05 -8.74
N CYS A 127 2.10 -0.27 -10.04
CA CYS A 127 1.92 0.85 -11.00
C CYS A 127 0.75 1.76 -10.59
N GLY A 128 -0.34 1.19 -10.07
CA GLY A 128 -1.60 1.92 -9.81
C GLY A 128 -1.43 2.81 -8.60
N LEU A 129 -0.61 2.32 -7.66
CA LEU A 129 -0.20 3.06 -6.43
C LEU A 129 0.52 4.34 -6.88
N LEU A 130 1.54 4.23 -7.74
CA LEU A 130 2.35 5.41 -8.17
C LEU A 130 1.46 6.37 -8.96
N GLU A 131 0.60 5.82 -9.82
CA GLU A 131 -0.29 6.64 -10.68
C GLU A 131 -1.30 7.38 -9.80
N THR A 132 -1.86 6.73 -8.80
CA THR A 132 -2.83 7.38 -7.89
C THR A 132 -2.10 8.46 -7.11
N ALA A 133 -0.85 8.17 -6.65
CA ALA A 133 -0.13 9.16 -5.82
C ALA A 133 0.19 10.38 -6.70
N GLN A 134 0.58 10.13 -7.95
CA GLN A 134 0.87 11.17 -8.98
C GLN A 134 -0.34 12.08 -9.08
N SER A 135 -1.48 11.48 -9.37
CA SER A 135 -2.75 12.19 -9.64
C SER A 135 -3.10 13.08 -8.44
N LEU A 136 -2.70 12.76 -7.21
CA LEU A 136 -3.13 13.54 -6.01
C LEU A 136 -2.08 14.59 -5.54
N GLY A 137 -0.91 14.60 -6.26
CA GLY A 137 0.24 15.45 -5.90
C GLY A 137 1.00 14.95 -4.67
N ILE A 138 0.80 13.66 -4.37
CA ILE A 138 1.68 12.95 -3.40
C ILE A 138 2.99 12.74 -4.19
N ARG A 139 4.08 13.28 -3.63
CA ARG A 139 5.39 13.36 -4.33
C ARG A 139 6.28 12.21 -3.82
N GLN A 140 6.08 11.82 -2.56
CA GLN A 140 6.79 10.65 -2.02
C GLN A 140 5.83 9.76 -1.20
N ILE A 141 6.27 8.50 -0.99
CA ILE A 141 5.51 7.48 -0.18
C ILE A 141 6.50 6.84 0.79
N SER A 142 6.10 6.93 2.16
CA SER A 142 6.89 6.26 3.24
C SER A 142 6.30 4.87 3.46
N VAL A 143 7.14 3.90 3.88
CA VAL A 143 6.65 2.50 4.07
C VAL A 143 7.60 1.76 5.01
N VAL A 144 7.01 0.86 5.75
CA VAL A 144 7.69 -0.15 6.58
C VAL A 144 7.45 -1.48 5.86
N CYS A 145 8.49 -2.13 5.42
CA CYS A 145 8.38 -3.34 4.59
C CYS A 145 9.52 -4.29 4.96
N GLU A 146 9.34 -5.55 4.54
CA GLU A 146 10.38 -6.58 4.69
C GLU A 146 11.65 -6.10 3.97
N THR A 147 12.81 -6.48 4.50
CA THR A 147 14.12 -6.01 4.01
C THR A 147 14.40 -6.54 2.61
N PHE A 148 13.61 -7.43 1.99
CA PHE A 148 13.89 -7.86 0.59
C PHE A 148 13.28 -6.88 -0.43
N TRP A 149 12.42 -5.96 -0.01
CA TRP A 149 11.61 -5.12 -0.96
C TRP A 149 12.47 -4.14 -1.73
N PRO A 150 13.43 -3.44 -1.09
CA PRO A 150 14.19 -2.39 -1.76
C PRO A 150 14.88 -2.92 -3.02
N LYS A 151 15.47 -4.12 -2.99
CA LYS A 151 16.10 -4.68 -4.21
C LYS A 151 15.04 -4.83 -5.30
N ARG A 152 13.90 -5.46 -4.99
CA ARG A 152 12.86 -5.72 -6.00
C ARG A 152 12.37 -4.39 -6.58
N LEU A 153 12.20 -3.37 -5.70
CA LEU A 153 11.57 -2.11 -6.16
C LEU A 153 12.59 -1.31 -6.96
N ARG A 154 13.87 -1.33 -6.54
CA ARG A 154 14.99 -0.71 -7.30
C ARG A 154 15.26 -1.48 -8.59
N ALA A 155 14.63 -2.63 -8.88
CA ALA A 155 14.69 -3.38 -10.17
C ALA A 155 13.59 -2.93 -11.12
N LEU A 156 12.47 -2.41 -10.59
CA LEU A 156 11.27 -1.93 -11.36
C LEU A 156 11.43 -0.45 -11.83
N GLY A 157 12.47 0.27 -11.34
CA GLY A 157 12.78 1.68 -11.68
C GLY A 157 12.68 2.63 -10.49
N TRP A 158 12.39 2.15 -9.29
CA TRP A 158 12.03 3.08 -8.18
C TRP A 158 13.30 3.64 -7.54
N THR A 159 13.26 4.99 -7.31
CA THR A 159 14.37 5.65 -6.58
C THR A 159 13.78 5.79 -5.16
N LEU A 160 14.52 5.25 -4.17
CA LEU A 160 14.06 5.23 -2.75
C LEU A 160 15.28 5.28 -1.84
N PHE A 161 15.04 5.66 -0.59
CA PHE A 161 16.08 5.95 0.42
C PHE A 161 15.68 5.16 1.66
N GLU A 162 16.55 4.28 2.13
CA GLU A 162 16.38 3.66 3.48
C GLU A 162 16.40 4.77 4.54
N LEU A 163 15.59 4.69 5.58
CA LEU A 163 15.44 5.80 6.56
C LEU A 163 16.16 5.39 7.86
N GLY A 164 16.71 4.16 7.90
CA GLY A 164 17.38 3.73 9.12
C GLY A 164 18.08 2.31 9.01
N ASN A 165 18.25 1.78 10.23
CA ASN A 165 18.69 0.36 10.47
C ASN A 165 17.46 -0.54 10.26
N ALA A 166 17.69 -1.72 9.63
CA ALA A 166 16.78 -2.87 9.63
C ALA A 166 16.57 -3.30 11.09
N LEU A 167 15.36 -3.72 11.40
CA LEU A 167 15.01 -4.29 12.72
C LEU A 167 14.83 -5.78 12.50
N GLU A 168 15.74 -6.55 13.02
CA GLU A 168 15.80 -7.99 12.76
C GLU A 168 14.89 -8.63 13.78
N HIS A 169 14.14 -9.61 13.30
CA HIS A 169 13.25 -10.48 14.10
C HIS A 169 13.38 -11.89 13.55
N PRO A 170 13.47 -12.94 14.39
CA PRO A 170 13.26 -14.32 13.93
C PRO A 170 12.10 -14.55 12.92
N ASP A 171 11.02 -13.77 12.93
CA ASP A 171 9.87 -13.97 12.00
C ASP A 171 9.96 -13.09 10.78
N GLY A 172 10.97 -12.24 10.69
CA GLY A 172 11.00 -11.36 9.54
C GLY A 172 11.84 -10.14 9.87
N ASP A 173 12.62 -9.67 8.94
CA ASP A 173 13.34 -8.38 9.10
C ASP A 173 12.59 -7.26 8.35
N ILE A 174 12.53 -6.09 8.95
CA ILE A 174 11.80 -4.96 8.35
C ILE A 174 12.69 -3.72 8.34
N ILE A 175 12.25 -2.75 7.55
CA ILE A 175 13.03 -1.49 7.30
C ILE A 175 12.05 -0.42 6.82
N ALA A 176 12.36 0.83 7.13
CA ALA A 176 11.63 2.02 6.66
C ALA A 176 12.29 2.61 5.40
N LEU A 177 11.46 2.94 4.41
CA LEU A 177 11.88 3.51 3.10
C LEU A 177 11.11 4.82 2.81
N LEU A 178 11.73 5.74 2.06
CA LEU A 178 11.02 6.91 1.44
C LEU A 178 11.11 6.82 -0.09
N ILE A 179 9.98 6.70 -0.79
CA ILE A 179 9.92 6.38 -2.25
C ILE A 179 9.56 7.65 -3.01
N ASP A 180 10.37 8.05 -4.02
CA ASP A 180 9.96 9.10 -4.97
C ASP A 180 8.92 8.46 -5.95
N VAL A 181 7.85 9.30 -6.11
CA VAL A 181 6.75 9.11 -7.10
C VAL A 181 7.15 9.87 -8.36
N THR A 182 7.82 9.20 -9.30
CA THR A 182 8.41 9.81 -10.51
C THR A 182 7.74 9.20 -11.75
N PRO A 183 7.51 10.04 -12.81
CA PRO A 183 7.00 9.58 -14.10
C PRO A 183 7.73 8.29 -14.71
N GLU A 184 9.02 8.20 -14.22
CA GLU A 184 10.03 7.24 -14.74
C GLU A 184 9.74 5.92 -14.04
N ALA A 185 9.68 5.98 -12.71
CA ALA A 185 9.34 4.83 -11.85
C ALA A 185 8.11 4.17 -12.52
N ILE A 186 7.11 5.02 -12.84
CA ILE A 186 5.84 4.53 -13.45
C ILE A 186 6.13 3.77 -14.75
N GLU A 187 6.92 4.36 -15.65
CA GLU A 187 7.15 3.80 -17.00
C GLU A 187 7.79 2.41 -16.92
N GLN A 188 8.91 2.33 -16.18
CA GLN A 188 9.76 1.12 -16.07
C GLN A 188 8.90 0.00 -15.47
N THR A 189 7.97 0.35 -14.59
CA THR A 189 7.12 -0.64 -13.86
C THR A 189 6.22 -1.35 -14.89
N ARG A 190 5.37 -0.52 -15.57
CA ARG A 190 4.60 -0.95 -16.77
C ARG A 190 5.44 -1.86 -17.70
N ARG A 191 6.76 -1.50 -17.89
CA ARG A 191 7.65 -2.20 -18.85
C ARG A 191 8.01 -3.56 -18.26
N ALA A 192 8.31 -3.52 -16.91
CA ALA A 192 8.71 -4.75 -16.21
C ALA A 192 7.57 -5.77 -16.32
N TYR A 193 6.30 -5.26 -16.22
CA TYR A 193 5.09 -6.11 -16.30
C TYR A 193 4.42 -6.04 -17.66
N GLY A 194 5.02 -5.28 -18.60
CA GLY A 194 4.51 -5.12 -19.99
C GLY A 194 2.99 -5.13 -20.04
N ILE A 195 2.31 -4.14 -19.46
CA ILE A 195 0.87 -3.93 -19.78
C ILE A 195 0.66 -2.50 -20.26
N SER A 196 -0.44 -2.32 -20.96
CA SER A 196 -0.65 -1.22 -21.93
C SER A 196 -1.88 -0.39 -21.55
N GLY A 197 -3.08 -0.97 -21.54
CA GLY A 197 -4.35 -0.20 -21.50
C GLY A 197 -4.28 0.87 -20.37
N ALA A 198 -5.45 1.53 -20.13
CA ALA A 198 -5.68 2.37 -18.92
C ALA A 198 -5.54 1.48 -17.69
N ILE A 199 -5.03 2.02 -16.58
CA ILE A 199 -4.93 1.25 -15.30
C ILE A 199 -5.92 1.89 -14.32
N LEU A 200 -5.84 3.20 -14.08
CA LEU A 200 -6.75 3.93 -13.14
C LEU A 200 -8.14 4.07 -13.76
N ALA A 201 -9.20 3.78 -13.00
CA ALA A 201 -10.59 4.28 -13.23
C ALA A 201 -10.74 5.70 -12.65
N ASP A 202 -10.36 6.69 -13.46
CA ASP A 202 -10.31 8.16 -13.23
C ASP A 202 -11.70 8.84 -13.25
N GLY A 203 -12.50 8.57 -14.28
CA GLY A 203 -13.81 9.23 -14.48
C GLY A 203 -14.19 10.11 -13.29
#